data_8K1D
#
_entry.id   8K1D
#
_cell.length_a   1.00
_cell.length_b   1.00
_cell.length_c   1.00
_cell.angle_alpha   90.00
_cell.angle_beta   90.00
_cell.angle_gamma   90.00
#
_symmetry.space_group_name_H-M   'P 1'
#
_entity_poly.entity_id   1
_entity_poly.type   'polypeptide(L)'
_entity_poly.pdbx_seq_one_letter_code
;IKESVYVKSSLFSVFIFLSFYLGCLLVGFVHYLRFQRKSIDGSFGSNDGSGNMVASHPIAASTPEPDIESDKNIIRTKMF
LYLSDLSRKDRRIVSKKYKIYFWNIITIAVFYALPVIQLVITYQTVVNVTGNQDICYYNFLCAHPLGVLSAFNNILSNLG
HVLLGFLFLLIVLRRDILHRRALEAKDIFAVEYGIPKHFGLFYAMGIALMMEGVLSACYHVCPNYSNFQFDTSFMYMIAG
LCMLKLYQTRHPDINASAYSAYASFAVVIMVTVLGVVFGKNDVWFWVIFSAIHVLASLALSTQIYYMGRFKIDLGIFRRA
AMVFYTDCIQQCSRPLYMDRMVLLVVGNLVNWSFALFGLIYRPRDFASYMLGIFICNLLLYLAFYIIMKLRSSEKVLPVP
LFCIVATAVMWAAALYFFFQNLSSWEGTPAESREKNRECILLDFFDDHDIWHFLSATALFFSFLVLLTLDDDLDVVRRDQ
IPVFDYKDHDGDYKDHDIDYKDDDDK
;
_entity_poly.pdbx_strand_id   A,B
#
# COMPACT_ATOMS: atom_id res chain seq x y z
N ILE A 1 5.51 14.77 34.60
CA ILE A 1 4.27 14.45 35.28
C ILE A 1 4.24 12.97 35.68
N LYS A 2 3.58 12.67 36.80
CA LYS A 2 3.55 11.33 37.33
C LYS A 2 2.58 10.45 36.54
N GLU A 3 2.62 9.15 36.82
CA GLU A 3 1.72 8.22 36.14
C GLU A 3 0.26 8.43 36.53
N SER A 4 0.01 9.20 37.59
CA SER A 4 -1.36 9.44 38.02
C SER A 4 -2.16 10.13 36.92
N VAL A 5 -1.61 11.18 36.32
CA VAL A 5 -2.33 11.86 35.25
C VAL A 5 -2.47 10.94 34.04
N TYR A 6 -1.47 10.09 33.79
CA TYR A 6 -1.58 9.10 32.73
C TYR A 6 -2.84 8.25 32.91
N VAL A 7 -2.99 7.66 34.10
CA VAL A 7 -4.11 6.76 34.31
C VAL A 7 -5.43 7.52 34.33
N LYS A 8 -5.46 8.71 34.94
CA LYS A 8 -6.70 9.49 34.93
C LYS A 8 -7.15 9.81 33.52
N SER A 9 -6.24 10.29 32.67
CA SER A 9 -6.62 10.67 31.32
C SER A 9 -7.05 9.45 30.50
N SER A 10 -6.27 8.37 30.55
CA SER A 10 -6.62 7.18 29.79
C SER A 10 -7.96 6.61 30.24
N LEU A 11 -8.16 6.50 31.56
CA LEU A 11 -9.41 5.99 32.08
C LEU A 11 -10.57 6.90 31.72
N PHE A 12 -10.35 8.22 31.73
CA PHE A 12 -11.38 9.16 31.30
C PHE A 12 -11.82 8.86 29.87
N SER A 13 -10.86 8.73 28.96
CA SER A 13 -11.22 8.47 27.57
C SER A 13 -11.99 7.16 27.43
N VAL A 14 -11.43 6.06 27.96
CA VAL A 14 -12.07 4.77 27.79
C VAL A 14 -13.44 4.75 28.44
N PHE A 15 -13.59 5.41 29.59
CA PHE A 15 -14.87 5.39 30.29
C PHE A 15 -15.91 6.30 29.65
N ILE A 16 -15.51 7.40 29.01
CA ILE A 16 -16.53 8.19 28.32
C ILE A 16 -17.03 7.44 27.09
N PHE A 17 -16.13 6.75 26.37
CA PHE A 17 -16.65 5.96 25.25
C PHE A 17 -17.46 4.75 25.75
N LEU A 18 -17.05 4.15 26.86
CA LEU A 18 -17.85 3.11 27.49
C LEU A 18 -19.22 3.63 27.90
N SER A 19 -19.29 4.89 28.34
CA SER A 19 -20.57 5.51 28.65
C SER A 19 -21.41 5.70 27.39
N PHE A 20 -20.77 6.00 26.26
CA PHE A 20 -21.50 6.00 24.99
C PHE A 20 -22.14 4.65 24.72
N TYR A 21 -21.36 3.57 24.84
CA TYR A 21 -21.95 2.23 24.71
C TYR A 21 -23.04 1.97 25.74
N LEU A 22 -22.84 2.44 26.97
CA LEU A 22 -23.82 2.20 28.02
C LEU A 22 -25.15 2.88 27.70
N GLY A 23 -25.09 4.13 27.25
CA GLY A 23 -26.30 4.83 26.84
C GLY A 23 -26.98 4.16 25.65
N CYS A 24 -26.18 3.69 24.69
CA CYS A 24 -26.76 2.90 23.60
C CYS A 24 -27.45 1.66 24.14
N LEU A 25 -26.89 1.06 25.19
CA LEU A 25 -27.50 -0.11 25.80
C LEU A 25 -28.83 0.22 26.45
N LEU A 26 -28.90 1.36 27.16
CA LEU A 26 -30.20 1.79 27.70
C LEU A 26 -31.20 2.02 26.58
N VAL A 27 -30.78 2.65 25.48
CA VAL A 27 -31.69 2.89 24.36
C VAL A 27 -32.20 1.57 23.81
N GLY A 28 -31.30 0.60 23.63
CA GLY A 28 -31.71 -0.70 23.11
C GLY A 28 -32.66 -1.43 24.04
N PHE A 29 -32.41 -1.37 25.35
CA PHE A 29 -33.28 -2.06 26.29
C PHE A 29 -34.64 -1.37 26.39
N VAL A 30 -34.66 -0.04 26.28
CA VAL A 30 -35.94 0.67 26.24
C VAL A 30 -36.72 0.27 25.00
N HIS A 31 -36.05 0.18 23.86
CA HIS A 31 -36.71 -0.30 22.64
C HIS A 31 -37.17 -1.74 22.80
N TYR A 32 -36.48 -2.53 23.62
CA TYR A 32 -36.89 -3.91 23.87
C TYR A 32 -38.26 -3.96 24.54
N LEU A 33 -38.50 -3.08 25.50
CA LEU A 33 -39.79 -3.03 26.19
C LEU A 33 -40.84 -2.33 25.33
N TYR A 98 -22.36 -10.85 0.54
CA TYR A 98 -21.59 -9.61 0.46
C TYR A 98 -20.26 -9.79 1.18
N LYS A 99 -19.96 -11.04 1.55
CA LYS A 99 -18.71 -11.35 2.24
C LYS A 99 -17.48 -11.16 1.38
N ILE A 100 -17.63 -11.13 0.05
CA ILE A 100 -16.49 -10.94 -0.83
C ILE A 100 -15.88 -9.56 -0.60
N TYR A 101 -16.72 -8.54 -0.50
CA TYR A 101 -16.23 -7.19 -0.22
C TYR A 101 -15.50 -7.12 1.12
N PHE A 102 -16.08 -7.76 2.15
CA PHE A 102 -15.43 -7.77 3.46
C PHE A 102 -14.07 -8.43 3.40
N TRP A 103 -13.98 -9.59 2.76
CA TRP A 103 -12.71 -10.30 2.66
C TRP A 103 -11.68 -9.48 1.90
N ASN A 104 -12.08 -8.90 0.77
CA ASN A 104 -11.15 -8.09 -0.01
C ASN A 104 -10.68 -6.89 0.78
N ILE A 105 -11.60 -6.19 1.46
CA ILE A 105 -11.22 -4.97 2.17
C ILE A 105 -10.29 -5.30 3.33
N ILE A 106 -10.54 -6.39 4.05
CA ILE A 106 -9.67 -6.73 5.17
C ILE A 106 -8.29 -7.15 4.66
N THR A 107 -8.25 -7.91 3.56
CA THR A 107 -6.97 -8.33 3.02
C THR A 107 -6.13 -7.13 2.59
N ILE A 108 -6.72 -6.21 1.81
CA ILE A 108 -5.93 -5.09 1.31
C ILE A 108 -5.51 -4.21 2.48
N ALA A 109 -6.43 -3.99 3.44
CA ALA A 109 -6.11 -3.15 4.58
C ALA A 109 -4.93 -3.71 5.36
N VAL A 110 -4.98 -4.99 5.73
CA VAL A 110 -3.92 -5.58 6.54
C VAL A 110 -2.60 -5.58 5.77
N PHE A 111 -2.64 -6.02 4.49
CA PHE A 111 -1.40 -6.16 3.74
C PHE A 111 -0.76 -4.81 3.42
N TYR A 112 -1.56 -3.78 3.14
CA TYR A 112 -0.99 -2.46 2.90
C TYR A 112 -0.50 -1.85 4.21
N ALA A 113 -1.20 -2.12 5.32
CA ALA A 113 -0.79 -1.54 6.59
C ALA A 113 0.56 -2.09 7.04
N LEU A 114 0.70 -3.43 7.06
CA LEU A 114 1.86 -4.08 7.68
C LEU A 114 3.20 -3.39 7.44
N PRO A 115 3.65 -3.16 6.19
CA PRO A 115 4.94 -2.50 6.03
C PRO A 115 4.92 -1.04 6.45
N VAL A 116 3.75 -0.41 6.54
CA VAL A 116 3.71 0.96 7.06
C VAL A 116 4.09 0.98 8.54
N ILE A 117 3.51 0.10 9.35
CA ILE A 117 3.94 0.03 10.75
C ILE A 117 5.40 -0.41 10.84
N GLN A 118 5.83 -1.31 9.96
CA GLN A 118 7.25 -1.68 9.96
C GLN A 118 8.13 -0.44 9.75
N LEU A 119 7.77 0.39 8.78
CA LEU A 119 8.56 1.57 8.47
C LEU A 119 8.56 2.56 9.64
N VAL A 120 7.38 2.84 10.20
CA VAL A 120 7.34 3.85 11.25
C VAL A 120 8.04 3.35 12.51
N ILE A 121 7.92 2.06 12.81
CA ILE A 121 8.63 1.53 13.97
C ILE A 121 10.13 1.54 13.73
N THR A 122 10.57 1.35 12.49
CA THR A 122 11.98 1.53 12.17
C THR A 122 12.42 2.96 12.41
N TYR A 123 11.60 3.92 12.00
CA TYR A 123 11.89 5.33 12.25
C TYR A 123 11.99 5.61 13.74
N GLN A 124 11.05 5.07 14.52
CA GLN A 124 11.08 5.29 15.96
C GLN A 124 12.33 4.69 16.59
N THR A 125 12.71 3.49 16.15
CA THR A 125 13.91 2.86 16.70
C THR A 125 15.16 3.68 16.36
N VAL A 126 15.26 4.16 15.12
CA VAL A 126 16.47 4.88 14.74
C VAL A 126 16.54 6.23 15.44
N VAL A 127 15.41 6.91 15.61
CA VAL A 127 15.46 8.19 16.31
C VAL A 127 15.74 7.96 17.80
N ASN A 128 15.25 6.85 18.36
CA ASN A 128 15.52 6.56 19.76
C ASN A 128 16.99 6.24 19.99
N VAL A 129 17.63 5.54 19.05
CA VAL A 129 19.02 5.15 19.25
C VAL A 129 19.98 6.29 18.90
N THR A 130 19.73 7.05 17.83
CA THR A 130 20.66 8.10 17.45
C THR A 130 20.42 9.38 18.24
N GLY A 131 19.20 9.57 18.75
CA GLY A 131 18.88 10.74 19.54
C GLY A 131 18.63 12.01 18.75
N ASN A 132 18.64 11.93 17.41
CA ASN A 132 18.41 13.10 16.58
C ASN A 132 16.90 13.34 16.46
N GLN A 133 16.37 14.27 17.25
CA GLN A 133 14.94 14.38 17.47
C GLN A 133 14.21 15.20 16.42
N ASP A 134 14.93 15.81 15.48
CA ASP A 134 14.27 16.58 14.42
C ASP A 134 13.80 15.71 13.27
N ILE A 135 13.99 14.39 13.36
CA ILE A 135 13.46 13.50 12.33
C ILE A 135 11.94 13.49 12.35
N CYS A 136 11.35 13.43 13.54
CA CYS A 136 9.91 13.38 13.70
C CYS A 136 9.36 14.75 14.09
N TYR A 137 8.20 15.10 13.56
CA TYR A 137 7.59 16.40 13.82
C TYR A 137 6.49 16.25 14.88
N TYR A 138 6.92 16.22 16.13
CA TYR A 138 6.01 16.00 17.26
C TYR A 138 5.38 17.32 17.68
N ASN A 139 4.68 17.29 18.81
CA ASN A 139 4.26 18.48 19.54
C ASN A 139 5.06 18.44 20.83
N PHE A 140 6.27 19.02 20.79
CA PHE A 140 7.27 18.75 21.81
C PHE A 140 6.93 19.37 23.16
N LEU A 141 5.89 20.21 23.23
CA LEU A 141 5.43 20.69 24.53
C LEU A 141 4.40 19.76 25.15
N CYS A 142 3.65 19.02 24.32
CA CYS A 142 2.62 18.10 24.77
C CYS A 142 2.97 16.66 24.38
N ALA A 143 4.24 16.30 24.55
CA ALA A 143 4.72 14.95 24.22
C ALA A 143 4.95 14.18 25.52
N HIS A 144 4.35 13.00 25.60
CA HIS A 144 4.43 12.17 26.80
C HIS A 144 4.92 10.78 26.42
N PRO A 145 6.03 10.32 26.99
CA PRO A 145 6.59 9.02 26.61
C PRO A 145 6.08 7.88 27.47
N LEU A 146 6.07 6.69 26.86
CA LEU A 146 5.72 5.46 27.57
C LEU A 146 6.33 4.29 26.81
N GLY A 147 7.30 3.62 27.42
CA GLY A 147 7.98 2.53 26.76
C GLY A 147 8.90 3.02 25.65
N VAL A 148 8.70 2.52 24.44
CA VAL A 148 9.49 2.98 23.30
C VAL A 148 8.82 4.12 22.54
N LEU A 149 7.51 4.31 22.73
CA LEU A 149 6.83 5.43 22.10
C LEU A 149 7.14 6.71 22.84
N SER A 150 7.62 7.72 22.12
CA SER A 150 7.98 8.99 22.74
C SER A 150 6.85 10.01 22.71
N ALA A 151 5.70 9.65 22.12
CA ALA A 151 4.53 10.53 22.13
C ALA A 151 3.30 9.64 22.28
N PHE A 152 2.85 9.46 23.53
CA PHE A 152 1.75 8.55 23.81
C PHE A 152 0.39 9.20 23.69
N ASN A 153 0.29 10.49 23.99
CA ASN A 153 -1.02 11.16 23.95
C ASN A 153 -1.65 11.08 22.57
N ASN A 154 -0.87 11.40 21.54
CA ASN A 154 -1.39 11.32 20.18
C ASN A 154 -1.75 9.90 19.76
N ILE A 155 -1.16 8.89 20.40
CA ILE A 155 -1.51 7.50 20.13
C ILE A 155 -2.80 7.10 20.82
N LEU A 156 -2.87 7.33 22.13
CA LEU A 156 -4.04 6.96 22.91
C LEU A 156 -5.28 7.72 22.46
N SER A 157 -5.13 8.99 22.06
CA SER A 157 -6.29 9.81 21.70
C SER A 157 -7.09 9.22 20.54
N ASN A 158 -6.44 8.52 19.61
CA ASN A 158 -7.14 7.94 18.47
C ASN A 158 -7.95 6.71 18.83
N LEU A 159 -7.95 6.30 20.10
CA LEU A 159 -8.81 5.21 20.54
C LEU A 159 -10.27 5.52 20.27
N GLY A 160 -10.66 6.79 20.35
CA GLY A 160 -12.04 7.15 20.08
C GLY A 160 -12.46 6.81 18.67
N HIS A 161 -11.56 6.98 17.70
CA HIS A 161 -11.86 6.62 16.33
C HIS A 161 -12.31 5.16 16.22
N VAL A 162 -11.46 4.25 16.69
CA VAL A 162 -11.75 2.82 16.52
C VAL A 162 -12.96 2.42 17.36
N LEU A 163 -13.11 3.02 18.55
CA LEU A 163 -14.23 2.64 19.41
C LEU A 163 -15.56 3.11 18.82
N LEU A 164 -15.62 4.36 18.35
CA LEU A 164 -16.84 4.84 17.71
C LEU A 164 -17.14 4.06 16.43
N GLY A 165 -16.09 3.72 15.67
CA GLY A 165 -16.31 2.88 14.50
C GLY A 165 -16.90 1.54 14.86
N PHE A 166 -16.39 0.91 15.92
CA PHE A 166 -16.94 -0.36 16.37
C PHE A 166 -18.41 -0.21 16.77
N LEU A 167 -18.73 0.89 17.45
CA LEU A 167 -20.12 1.20 17.76
C LEU A 167 -20.96 1.23 16.49
N PHE A 168 -20.45 1.91 15.45
CA PHE A 168 -21.19 2.02 14.20
C PHE A 168 -21.40 0.65 13.57
N LEU A 169 -20.36 -0.19 13.56
CA LEU A 169 -20.50 -1.53 12.99
C LEU A 169 -21.54 -2.34 13.75
N LEU A 170 -21.54 -2.26 15.09
CA LEU A 170 -22.49 -3.08 15.83
C LEU A 170 -23.93 -2.60 15.63
N ILE A 171 -24.15 -1.28 15.55
CA ILE A 171 -25.52 -0.82 15.33
C ILE A 171 -26.00 -1.21 13.93
N VAL A 172 -25.11 -1.10 12.93
CA VAL A 172 -25.47 -1.55 11.60
C VAL A 172 -25.76 -3.05 11.61
N LEU A 173 -25.02 -3.81 12.40
CA LEU A 173 -25.24 -5.25 12.48
C LEU A 173 -26.61 -5.57 13.05
N ARG A 174 -26.99 -4.92 14.15
CA ARG A 174 -28.31 -5.19 14.72
C ARG A 174 -29.42 -4.71 13.79
N ARG A 175 -29.20 -3.60 13.08
CA ARG A 175 -30.18 -3.16 12.10
C ARG A 175 -30.37 -4.19 11.00
N ASP A 176 -29.27 -4.75 10.49
CA ASP A 176 -29.38 -5.79 9.47
C ASP A 176 -30.09 -7.02 10.01
N ILE A 177 -29.76 -7.43 11.24
CA ILE A 177 -30.38 -8.61 11.83
C ILE A 177 -31.89 -8.40 11.96
N LEU A 178 -32.30 -7.22 12.41
CA LEU A 178 -33.72 -6.91 12.50
C LEU A 178 -34.36 -6.87 11.11
N HIS A 179 -33.60 -6.42 10.10
CA HIS A 179 -34.13 -6.39 8.74
C HIS A 179 -34.42 -7.79 8.23
N ARG A 180 -33.53 -8.75 8.51
CA ARG A 180 -33.79 -10.13 8.09
C ARG A 180 -35.04 -10.69 8.77
N ARG A 181 -35.20 -10.41 10.05
CA ARG A 181 -36.39 -10.87 10.78
C ARG A 181 -37.64 -10.14 10.31
N PRO A 196 -34.86 -0.14 -1.51
CA PRO A 196 -33.43 -0.41 -1.69
C PRO A 196 -32.61 -0.01 -0.47
N LYS A 197 -32.94 -0.58 0.69
CA LYS A 197 -32.23 -0.30 1.93
C LYS A 197 -31.04 -1.24 2.04
N HIS A 198 -29.87 -0.74 1.66
CA HIS A 198 -28.64 -1.54 1.61
C HIS A 198 -27.66 -1.05 2.67
N PHE A 199 -26.95 -1.99 3.29
CA PHE A 199 -25.98 -1.69 4.34
C PHE A 199 -24.56 -2.03 3.95
N GLY A 200 -24.33 -2.55 2.74
CA GLY A 200 -22.98 -2.94 2.35
C GLY A 200 -22.04 -1.75 2.29
N LEU A 201 -22.47 -0.65 1.67
CA LEU A 201 -21.67 0.56 1.66
C LEU A 201 -21.42 1.06 3.07
N PHE A 202 -22.40 0.89 3.97
CA PHE A 202 -22.21 1.29 5.36
C PHE A 202 -21.12 0.47 6.03
N TYR A 203 -21.11 -0.85 5.79
CA TYR A 203 -20.05 -1.68 6.32
C TYR A 203 -18.69 -1.29 5.76
N ALA A 204 -18.64 -1.02 4.45
CA ALA A 204 -17.38 -0.62 3.83
C ALA A 204 -16.85 0.68 4.42
N MET A 205 -17.73 1.66 4.62
CA MET A 205 -17.29 2.93 5.20
C MET A 205 -16.94 2.78 6.67
N GLY A 206 -17.58 1.85 7.39
CA GLY A 206 -17.16 1.59 8.76
C GLY A 206 -15.77 1.00 8.84
N ILE A 207 -15.47 0.04 7.96
CA ILE A 207 -14.11 -0.49 7.87
C ILE A 207 -13.14 0.61 7.49
N ALA A 208 -13.59 1.52 6.61
CA ALA A 208 -12.78 2.68 6.25
C ALA A 208 -12.47 3.54 7.47
N LEU A 209 -13.48 3.77 8.32
CA LEU A 209 -13.26 4.52 9.55
C LEU A 209 -12.24 3.83 10.42
N MET A 210 -12.37 2.51 10.59
CA MET A 210 -11.42 1.74 11.38
C MET A 210 -10.00 1.94 10.88
N MET A 211 -9.79 1.73 9.59
CA MET A 211 -8.45 1.78 9.01
C MET A 211 -7.89 3.20 9.04
N GLU A 212 -8.72 4.20 8.77
CA GLU A 212 -8.24 5.58 8.85
C GLU A 212 -7.80 5.91 10.26
N GLY A 213 -8.58 5.52 11.27
CA GLY A 213 -8.17 5.79 12.64
C GLY A 213 -6.87 5.12 13.00
N VAL A 214 -6.75 3.82 12.71
CA VAL A 214 -5.53 3.11 13.11
C VAL A 214 -4.33 3.64 12.36
N LEU A 215 -4.47 3.88 11.05
CA LEU A 215 -3.34 4.35 10.27
C LEU A 215 -2.95 5.78 10.64
N SER A 216 -3.92 6.61 11.02
CA SER A 216 -3.59 7.92 11.55
C SER A 216 -2.81 7.80 12.84
N ALA A 217 -3.16 6.83 13.69
CA ALA A 217 -2.34 6.57 14.88
C ALA A 217 -0.91 6.22 14.50
N CYS A 218 -0.74 5.27 13.57
CA CYS A 218 0.61 4.87 13.17
C CYS A 218 1.39 6.05 12.58
N TYR A 219 0.70 6.90 11.82
CA TYR A 219 1.35 8.11 11.31
C TYR A 219 1.77 9.03 12.44
N HIS A 220 0.91 9.16 13.46
CA HIS A 220 1.21 10.03 14.59
C HIS A 220 2.30 9.47 15.50
N VAL A 221 2.67 8.19 15.33
CA VAL A 221 3.83 7.68 16.06
C VAL A 221 5.07 8.54 15.76
N CYS A 222 5.27 8.88 14.50
CA CYS A 222 6.36 9.76 14.08
C CYS A 222 5.95 10.41 12.77
N PRO A 223 5.39 11.64 12.81
CA PRO A 223 4.89 12.31 11.61
C PRO A 223 6.00 12.95 10.77
N ASN A 224 6.06 12.60 9.48
CA ASN A 224 7.03 13.18 8.57
C ASN A 224 6.36 13.35 7.21
N TYR A 225 7.12 13.92 6.28
CA TYR A 225 6.62 14.08 4.92
C TYR A 225 6.33 12.73 4.28
N SER A 226 7.21 11.76 4.51
CA SER A 226 7.11 10.47 3.80
C SER A 226 5.81 9.76 4.12
N ASN A 227 5.47 9.63 5.40
CA ASN A 227 4.32 8.83 5.79
C ASN A 227 3.00 9.59 5.73
N PHE A 228 3.02 10.90 5.49
CA PHE A 228 1.77 11.61 5.25
C PHE A 228 1.12 11.15 3.96
N GLN A 229 1.95 10.83 2.94
CA GLN A 229 1.41 10.26 1.71
C GLN A 229 0.73 8.93 1.98
N PHE A 230 1.34 8.08 2.83
CA PHE A 230 0.67 6.85 3.22
C PHE A 230 -0.59 7.12 4.02
N ASP A 231 -0.61 8.23 4.78
CA ASP A 231 -1.81 8.60 5.52
C ASP A 231 -2.97 8.90 4.59
N THR A 232 -2.71 9.66 3.52
CA THR A 232 -3.77 9.96 2.56
C THR A 232 -3.98 8.83 1.55
N SER A 233 -3.09 7.83 1.54
CA SER A 233 -3.18 6.75 0.58
C SER A 233 -4.46 5.93 0.77
N PHE A 234 -4.89 5.70 2.01
CA PHE A 234 -6.11 4.92 2.21
C PHE A 234 -7.34 5.67 1.71
N MET A 235 -7.40 6.98 1.95
CA MET A 235 -8.54 7.74 1.43
C MET A 235 -8.53 7.79 -0.08
N TYR A 236 -7.34 7.89 -0.69
CA TYR A 236 -7.24 7.78 -2.14
C TYR A 236 -7.71 6.42 -2.62
N MET A 237 -7.33 5.36 -1.89
CA MET A 237 -7.80 4.01 -2.19
C MET A 237 -9.32 3.97 -2.24
N ILE A 238 -9.95 4.48 -1.18
CA ILE A 238 -11.41 4.45 -1.07
C ILE A 238 -12.06 5.24 -2.20
N ALA A 239 -11.52 6.43 -2.49
CA ALA A 239 -12.06 7.24 -3.57
C ALA A 239 -11.96 6.51 -4.90
N GLY A 240 -10.87 5.78 -5.11
CA GLY A 240 -10.75 4.99 -6.33
C GLY A 240 -11.76 3.85 -6.41
N LEU A 241 -11.93 3.11 -5.31
CA LEU A 241 -12.84 1.97 -5.34
C LEU A 241 -14.30 2.40 -5.48
N CYS A 242 -14.70 3.46 -4.79
CA CYS A 242 -16.11 3.84 -4.79
C CYS A 242 -16.61 4.28 -6.15
N MET A 243 -15.72 4.72 -7.03
CA MET A 243 -16.12 5.15 -8.37
C MET A 243 -16.35 3.94 -9.28
N PHE A 285 0.18 25.69 -12.33
CA PHE A 285 -0.47 24.40 -12.12
C PHE A 285 -1.72 24.56 -11.26
N TRP A 286 -1.80 25.67 -10.53
CA TRP A 286 -2.96 25.91 -9.66
C TRP A 286 -4.21 26.26 -10.45
N VAL A 287 -4.06 26.94 -11.59
CA VAL A 287 -5.22 27.25 -12.43
C VAL A 287 -5.83 25.97 -12.97
N ILE A 288 -4.99 25.02 -13.39
CA ILE A 288 -5.48 23.74 -13.86
C ILE A 288 -6.22 23.01 -12.75
N PHE A 289 -5.66 23.04 -11.53
CA PHE A 289 -6.31 22.40 -10.40
C PHE A 289 -7.67 23.02 -10.12
N SER A 290 -7.76 24.36 -10.17
CA SER A 290 -9.03 25.02 -9.93
C SER A 290 -10.05 24.67 -11.02
N ALA A 291 -9.62 24.65 -12.27
CA ALA A 291 -10.53 24.30 -13.36
C ALA A 291 -11.04 22.87 -13.23
N ILE A 292 -10.15 21.94 -12.89
CA ILE A 292 -10.56 20.55 -12.74
C ILE A 292 -11.49 20.39 -11.55
N HIS A 293 -11.22 21.12 -10.46
CA HIS A 293 -12.12 21.08 -9.31
C HIS A 293 -13.49 21.62 -9.68
N VAL A 294 -13.54 22.70 -10.46
CA VAL A 294 -14.82 23.25 -10.91
C VAL A 294 -15.57 22.22 -11.76
N LEU A 295 -14.85 21.58 -12.68
CA LEU A 295 -15.47 20.57 -13.54
C LEU A 295 -16.03 19.41 -12.72
N ALA A 296 -15.27 18.93 -11.73
CA ALA A 296 -15.75 17.85 -10.89
C ALA A 296 -16.97 18.28 -10.07
N SER A 297 -16.95 19.51 -9.55
CA SER A 297 -18.07 20.00 -8.76
C SER A 297 -19.33 20.10 -9.60
N LEU A 298 -19.21 20.59 -10.83
CA LEU A 298 -20.41 20.70 -11.68
C LEU A 298 -20.86 19.35 -12.20
N ALA A 299 -19.94 18.40 -12.36
CA ALA A 299 -20.32 17.07 -12.84
C ALA A 299 -20.97 16.24 -11.74
N LEU A 300 -20.56 16.43 -10.48
CA LEU A 300 -21.15 15.66 -9.38
C LEU A 300 -22.64 15.95 -9.23
N SER A 301 -23.01 17.22 -9.33
CA SER A 301 -24.41 17.62 -9.17
C SER A 301 -24.89 18.40 -10.39
N MET A 338 -38.28 25.02 -11.61
CA MET A 338 -38.49 26.41 -11.19
C MET A 338 -37.48 26.83 -10.14
N ASP A 339 -37.15 25.91 -9.23
CA ASP A 339 -36.21 26.19 -8.16
C ASP A 339 -34.93 25.36 -8.23
N ARG A 340 -34.89 24.30 -9.03
CA ARG A 340 -33.68 23.48 -9.13
C ARG A 340 -32.51 24.28 -9.70
N MET A 341 -32.79 25.14 -10.67
CA MET A 341 -31.72 25.93 -11.28
C MET A 341 -31.07 26.86 -10.26
N VAL A 342 -31.89 27.49 -9.40
CA VAL A 342 -31.34 28.45 -8.44
C VAL A 342 -30.42 27.75 -7.45
N LEU A 343 -30.85 26.62 -6.90
CA LEU A 343 -30.02 25.88 -5.95
C LEU A 343 -28.77 25.32 -6.61
N LEU A 344 -28.89 24.83 -7.85
CA LEU A 344 -27.71 24.35 -8.57
C LEU A 344 -26.71 25.48 -8.79
N VAL A 345 -27.20 26.67 -9.14
CA VAL A 345 -26.33 27.81 -9.33
C VAL A 345 -25.68 28.21 -8.01
N VAL A 346 -26.42 28.14 -6.91
CA VAL A 346 -25.87 28.48 -5.60
C VAL A 346 -24.73 27.53 -5.24
N GLY A 347 -24.96 26.23 -5.44
CA GLY A 347 -23.90 25.26 -5.16
C GLY A 347 -22.69 25.46 -6.05
N ASN A 348 -22.91 25.70 -7.34
CA ASN A 348 -21.79 25.98 -8.23
C ASN A 348 -21.06 27.24 -7.80
N LEU A 349 -21.78 28.23 -7.29
CA LEU A 349 -21.16 29.48 -6.88
C LEU A 349 -20.28 29.29 -5.64
N VAL A 350 -20.76 28.54 -4.64
CA VAL A 350 -19.93 28.32 -3.46
C VAL A 350 -18.71 27.47 -3.82
N ASN A 351 -18.91 26.47 -4.69
CA ASN A 351 -17.77 25.69 -5.16
C ASN A 351 -16.76 26.55 -5.89
N TRP A 352 -17.24 27.48 -6.73
CA TRP A 352 -16.34 28.40 -7.42
C TRP A 352 -15.61 29.32 -6.45
N SER A 353 -16.30 29.80 -5.42
CA SER A 353 -15.64 30.64 -4.43
C SER A 353 -14.50 29.90 -3.75
N PHE A 354 -14.76 28.65 -3.36
CA PHE A 354 -13.67 27.84 -2.80
C PHE A 354 -12.57 27.57 -3.82
N ALA A 355 -12.93 27.42 -5.10
CA ALA A 355 -11.93 27.19 -6.13
C ALA A 355 -10.98 28.37 -6.26
N LEU A 356 -11.52 29.59 -6.37
CA LEU A 356 -10.65 30.76 -6.42
C LEU A 356 -9.94 31.00 -5.10
N PHE A 357 -10.54 30.59 -3.98
CA PHE A 357 -9.84 30.67 -2.70
C PHE A 357 -8.57 29.81 -2.73
N GLY A 358 -8.69 28.58 -3.22
CA GLY A 358 -7.52 27.73 -3.34
C GLY A 358 -6.54 28.26 -4.37
N LEU A 359 -7.06 28.83 -5.46
CA LEU A 359 -6.19 29.37 -6.51
C LEU A 359 -5.35 30.55 -6.03
N ILE A 360 -5.93 31.41 -5.21
CA ILE A 360 -5.23 32.62 -4.75
C ILE A 360 -4.36 32.29 -3.55
N TYR A 361 -4.96 31.65 -2.53
CA TYR A 361 -4.21 31.39 -1.30
C TYR A 361 -3.09 30.38 -1.53
N ARG A 362 -3.33 29.39 -2.39
CA ARG A 362 -2.36 28.33 -2.71
C ARG A 362 -1.83 27.67 -1.43
N PRO A 363 -2.66 26.89 -0.74
CA PRO A 363 -2.20 26.28 0.51
C PRO A 363 -1.14 25.20 0.26
N ARG A 364 -0.31 24.97 1.27
CA ARG A 364 0.74 23.97 1.18
C ARG A 364 0.27 22.58 1.59
N ASP A 365 -0.99 22.43 2.00
CA ASP A 365 -1.55 21.14 2.41
C ASP A 365 -2.71 20.81 1.48
N PHE A 366 -2.47 19.93 0.51
CA PHE A 366 -3.51 19.55 -0.44
C PHE A 366 -4.60 18.72 0.22
N ALA A 367 -4.21 17.85 1.17
CA ALA A 367 -5.20 17.01 1.84
C ALA A 367 -6.17 17.84 2.65
N SER A 368 -5.70 18.95 3.23
CA SER A 368 -6.61 19.85 3.95
C SER A 368 -7.66 20.43 3.01
N TYR A 369 -7.23 20.85 1.82
CA TYR A 369 -8.16 21.40 0.83
C TYR A 369 -9.19 20.35 0.41
N MET A 370 -8.73 19.12 0.13
CA MET A 370 -9.64 18.06 -0.28
C MET A 370 -10.64 17.74 0.84
N LEU A 371 -10.15 17.66 2.08
CA LEU A 371 -11.05 17.36 3.20
C LEU A 371 -12.05 18.49 3.41
N GLY A 372 -11.61 19.74 3.24
CA GLY A 372 -12.54 20.85 3.39
C GLY A 372 -13.65 20.81 2.37
N ILE A 373 -13.32 20.54 1.10
CA ILE A 373 -14.38 20.44 0.10
C ILE A 373 -15.27 19.23 0.36
N PHE A 374 -14.69 18.15 0.89
CA PHE A 374 -15.49 16.99 1.25
C PHE A 374 -16.52 17.36 2.31
N ILE A 375 -16.06 18.02 3.37
CA ILE A 375 -16.97 18.40 4.46
C ILE A 375 -18.05 19.34 3.94
N CYS A 376 -17.66 20.36 3.16
CA CYS A 376 -18.65 21.32 2.68
C CYS A 376 -19.67 20.64 1.78
N ASN A 377 -19.22 19.75 0.89
CA ASN A 377 -20.16 19.11 -0.04
C ASN A 377 -21.15 18.21 0.69
N LEU A 378 -20.67 17.37 1.62
CA LEU A 378 -21.60 16.52 2.35
C LEU A 378 -22.50 17.32 3.28
N LEU A 379 -22.01 18.42 3.84
CA LEU A 379 -22.88 19.32 4.60
C LEU A 379 -23.98 19.89 3.73
N LEU A 380 -23.64 20.31 2.51
CA LEU A 380 -24.64 20.82 1.58
C LEU A 380 -25.67 19.76 1.24
N TYR A 381 -25.21 18.53 0.97
CA TYR A 381 -26.14 17.46 0.64
C TYR A 381 -27.05 17.11 1.81
N LEU A 382 -26.51 17.13 3.03
CA LEU A 382 -27.33 16.86 4.21
C LEU A 382 -28.38 17.95 4.40
N ALA A 383 -27.98 19.21 4.24
CA ALA A 383 -28.95 20.30 4.34
C ALA A 383 -30.02 20.18 3.27
N PHE A 384 -29.61 19.78 2.06
CA PHE A 384 -30.57 19.51 0.99
C PHE A 384 -31.56 18.43 1.39
N TYR A 385 -31.05 17.33 1.96
CA TYR A 385 -31.94 16.25 2.37
C TYR A 385 -32.93 16.73 3.42
N ILE A 386 -32.46 17.52 4.39
CA ILE A 386 -33.35 18.03 5.44
C ILE A 386 -34.43 18.93 4.84
N ILE A 387 -34.03 19.86 3.97
CA ILE A 387 -35.01 20.83 3.47
C ILE A 387 -36.01 20.14 2.54
N MET A 388 -35.55 19.17 1.75
CA MET A 388 -36.47 18.45 0.87
C MET A 388 -37.39 17.52 1.64
N LYS A 389 -36.93 16.92 2.74
CA LYS A 389 -37.83 16.16 3.60
C LYS A 389 -38.85 17.08 4.25
N LEU A 390 -38.43 18.29 4.62
CA LEU A 390 -39.36 19.26 5.22
C LEU A 390 -40.48 19.61 4.23
N ARG A 391 -40.14 19.83 2.96
CA ARG A 391 -41.14 20.18 1.97
C ARG A 391 -42.06 19.02 1.63
N SER A 392 -41.73 17.80 2.04
CA SER A 392 -42.56 16.63 1.80
C SER A 392 -43.53 16.34 2.94
N SER A 393 -43.49 17.14 4.01
CA SER A 393 -44.36 16.94 5.18
C SER A 393 -44.21 15.54 5.76
N PRO A 400 -32.82 10.36 15.47
CA PRO A 400 -33.91 11.27 15.16
C PRO A 400 -33.43 12.67 14.77
N LEU A 401 -33.80 13.67 15.57
CA LEU A 401 -33.43 15.05 15.29
C LEU A 401 -32.25 15.51 16.14
N PHE A 402 -32.06 14.92 17.32
CA PHE A 402 -30.95 15.31 18.18
C PHE A 402 -29.60 15.02 17.50
N CYS A 403 -29.55 13.97 16.68
CA CYS A 403 -28.34 13.72 15.91
C CYS A 403 -28.06 14.84 14.94
N ILE A 404 -29.10 15.31 14.23
CA ILE A 404 -28.95 16.43 13.31
C ILE A 404 -28.48 17.67 14.05
N VAL A 405 -29.03 17.92 15.24
CA VAL A 405 -28.61 19.06 16.04
C VAL A 405 -27.14 18.94 16.42
N ALA A 406 -26.73 17.76 16.89
CA ALA A 406 -25.39 17.58 17.39
C ALA A 406 -24.34 17.65 16.28
N THR A 407 -24.71 17.23 15.06
CA THR A 407 -23.75 17.24 13.96
C THR A 407 -23.10 18.62 13.80
N ALA A 408 -23.93 19.67 13.75
CA ALA A 408 -23.41 21.00 13.50
C ALA A 408 -22.47 21.46 14.61
N VAL A 409 -22.86 21.25 15.87
CA VAL A 409 -22.05 21.73 16.99
C VAL A 409 -20.70 21.04 17.01
N MET A 410 -20.70 19.70 16.96
CA MET A 410 -19.43 18.99 16.96
C MET A 410 -18.59 19.29 15.73
N TRP A 411 -19.19 19.44 14.54
CA TRP A 411 -18.36 19.74 13.37
C TRP A 411 -17.78 21.14 13.44
N ALA A 412 -18.54 22.11 13.95
CA ALA A 412 -18.00 23.47 14.09
C ALA A 412 -16.85 23.49 15.08
N ALA A 413 -17.02 22.83 16.23
CA ALA A 413 -15.94 22.77 17.19
C ALA A 413 -14.73 22.03 16.62
N ALA A 414 -14.97 20.97 15.84
CA ALA A 414 -13.88 20.23 15.22
C ALA A 414 -13.11 21.11 14.25
N LEU A 415 -13.81 21.92 13.45
CA LEU A 415 -13.11 22.84 12.55
C LEU A 415 -12.34 23.89 13.33
N TYR A 416 -12.91 24.38 14.43
CA TYR A 416 -12.20 25.31 15.30
C TYR A 416 -10.87 24.72 15.75
N PHE A 417 -10.90 23.51 16.28
CA PHE A 417 -9.66 22.87 16.71
C PHE A 417 -8.75 22.48 15.55
N PHE A 418 -9.31 22.18 14.38
CA PHE A 418 -8.53 21.81 13.21
C PHE A 418 -7.69 22.97 12.68
N PHE A 419 -8.27 24.17 12.63
CA PHE A 419 -7.58 25.29 12.01
C PHE A 419 -6.49 25.89 12.90
N GLN A 420 -6.09 25.21 13.97
CA GLN A 420 -4.99 25.66 14.80
C GLN A 420 -3.63 25.41 14.16
N ASN A 421 -3.45 24.28 13.49
CA ASN A 421 -2.21 23.95 12.79
C ASN A 421 -0.98 24.12 13.70
N LEU A 422 -0.94 23.30 14.75
CA LEU A 422 0.15 23.39 15.71
C LEU A 422 1.45 22.82 15.18
N SER A 423 1.40 21.87 14.25
CA SER A 423 2.60 21.25 13.70
C SER A 423 2.55 21.31 12.18
N SER A 424 3.65 21.75 11.58
CA SER A 424 3.73 21.92 10.13
C SER A 424 5.06 21.38 9.64
N TRP A 425 5.05 20.16 9.12
CA TRP A 425 6.24 19.47 8.65
C TRP A 425 6.74 19.96 7.30
N GLU A 426 5.94 20.77 6.59
CA GLU A 426 6.34 21.20 5.25
C GLU A 426 7.50 22.18 5.28
N GLY A 427 7.80 22.78 6.43
CA GLY A 427 8.95 23.63 6.58
C GLY A 427 10.08 22.92 7.31
N THR A 428 11.09 23.70 7.68
CA THR A 428 12.17 23.17 8.50
C THR A 428 11.63 22.83 9.90
N PRO A 429 12.24 21.85 10.57
CA PRO A 429 11.70 21.43 11.88
C PRO A 429 11.61 22.55 12.90
N ALA A 430 12.53 23.52 12.88
CA ALA A 430 12.44 24.63 13.81
C ALA A 430 11.15 25.43 13.59
N GLU A 431 10.79 25.66 12.33
CA GLU A 431 9.54 26.36 12.05
C GLU A 431 8.34 25.55 12.51
N SER A 432 8.40 24.22 12.40
CA SER A 432 7.31 23.40 12.93
C SER A 432 7.26 23.48 14.45
N ARG A 433 8.42 23.68 15.10
CA ARG A 433 8.45 23.85 16.54
C ARG A 433 8.09 25.26 16.97
N GLU A 434 7.99 26.20 16.02
CA GLU A 434 7.53 27.54 16.34
C GLU A 434 6.06 27.54 16.76
N LYS A 435 5.26 26.66 16.18
CA LYS A 435 3.82 26.64 16.39
C LYS A 435 3.38 25.65 17.45
N ASN A 436 4.30 25.18 18.28
CA ASN A 436 3.92 24.28 19.38
C ASN A 436 3.11 25.03 20.42
N ARG A 437 2.14 24.33 21.00
CA ARG A 437 1.31 24.88 22.06
C ARG A 437 1.24 23.90 23.22
N GLU A 438 1.11 24.44 24.43
CA GLU A 438 1.16 23.62 25.63
C GLU A 438 -0.07 22.74 25.73
N CYS A 439 0.02 21.75 26.62
CA CYS A 439 -1.10 20.86 26.89
C CYS A 439 -2.26 21.66 27.48
N ILE A 440 -3.48 21.32 27.08
CA ILE A 440 -4.63 22.15 27.44
C ILE A 440 -5.70 21.33 28.17
N LEU A 441 -5.76 20.03 27.89
CA LEU A 441 -6.80 19.17 28.46
C LEU A 441 -6.17 18.18 29.42
N LEU A 442 -6.61 18.22 30.68
CA LEU A 442 -6.17 17.28 31.73
C LEU A 442 -4.65 17.25 31.88
N ASP A 443 -3.96 18.30 31.40
CA ASP A 443 -2.50 18.33 31.33
C ASP A 443 -1.94 17.11 30.59
N PHE A 444 -2.74 16.54 29.68
CA PHE A 444 -2.35 15.35 28.94
C PHE A 444 -2.67 15.40 27.47
N PHE A 445 -3.48 16.35 26.99
CA PHE A 445 -3.89 16.39 25.60
C PHE A 445 -3.59 17.76 25.01
N ASP A 446 -3.51 17.81 23.68
CA ASP A 446 -3.31 19.06 22.97
C ASP A 446 -4.45 19.23 21.96
N ASP A 447 -4.39 20.32 21.19
CA ASP A 447 -5.48 20.68 20.31
C ASP A 447 -5.72 19.62 19.24
N HIS A 448 -4.65 19.02 18.72
CA HIS A 448 -4.81 18.02 17.66
C HIS A 448 -5.58 16.80 18.15
N ASP A 449 -5.34 16.37 19.39
CA ASP A 449 -6.10 15.24 19.93
C ASP A 449 -7.57 15.59 20.13
N ILE A 450 -7.85 16.83 20.54
CA ILE A 450 -9.23 17.26 20.63
C ILE A 450 -9.88 17.26 19.26
N TRP A 451 -9.12 17.65 18.23
CA TRP A 451 -9.61 17.50 16.87
C TRP A 451 -9.89 16.05 16.54
N HIS A 452 -9.01 15.13 16.96
CA HIS A 452 -9.27 13.71 16.77
C HIS A 452 -10.63 13.33 17.36
N PHE A 453 -10.88 13.75 18.60
CA PHE A 453 -12.11 13.38 19.28
C PHE A 453 -13.34 13.93 18.58
N LEU A 454 -13.38 15.23 18.33
CA LEU A 454 -14.59 15.77 17.73
C LEU A 454 -14.74 15.39 16.26
N SER A 455 -13.63 15.19 15.55
CA SER A 455 -13.75 14.63 14.21
C SER A 455 -14.42 13.26 14.26
N ALA A 456 -14.01 12.42 15.21
CA ALA A 456 -14.64 11.11 15.35
C ALA A 456 -16.12 11.23 15.64
N THR A 457 -16.49 12.05 16.62
CA THR A 457 -17.91 12.07 17.01
C THR A 457 -18.77 12.75 15.95
N ALA A 458 -18.28 13.82 15.30
CA ALA A 458 -19.04 14.46 14.25
C ALA A 458 -19.19 13.54 13.05
N LEU A 459 -18.12 12.80 12.71
CA LEU A 459 -18.19 11.75 11.71
C LEU A 459 -19.30 10.75 12.05
N PHE A 460 -19.29 10.22 13.27
CA PHE A 460 -20.27 9.22 13.67
C PHE A 460 -21.68 9.79 13.58
N PHE A 461 -21.88 11.01 14.07
CA PHE A 461 -23.21 11.62 14.02
C PHE A 461 -23.65 11.85 12.58
N SER A 462 -22.75 12.32 11.73
CA SER A 462 -23.10 12.63 10.35
C SER A 462 -23.59 11.40 9.62
N PHE A 463 -22.88 10.27 9.75
CA PHE A 463 -23.41 9.05 9.14
C PHE A 463 -24.46 8.36 10.00
N LEU A 464 -24.71 8.85 11.22
CA LEU A 464 -25.90 8.42 11.95
C LEU A 464 -27.15 9.02 11.34
N VAL A 465 -27.06 10.28 10.87
CA VAL A 465 -28.16 10.85 10.10
C VAL A 465 -28.43 10.03 8.85
N LEU A 466 -27.37 9.62 8.17
CA LEU A 466 -27.51 8.77 6.98
C LEU A 466 -28.11 7.42 7.35
N ILE B 1 34.31 5.73 -15.38
CA ILE B 1 34.11 5.29 -16.76
C ILE B 1 33.39 6.37 -17.56
N LYS B 2 33.72 6.46 -18.85
CA LYS B 2 33.15 7.49 -19.71
C LYS B 2 31.72 7.14 -20.09
N GLU B 3 31.04 8.12 -20.70
CA GLU B 3 29.67 7.92 -21.14
C GLU B 3 29.54 6.94 -22.30
N SER B 4 30.66 6.61 -22.95
CA SER B 4 30.63 5.66 -24.06
C SER B 4 30.12 4.30 -23.59
N VAL B 5 30.64 3.81 -22.47
CA VAL B 5 30.15 2.54 -21.95
C VAL B 5 28.71 2.67 -21.49
N TYR B 6 28.33 3.85 -20.97
CA TYR B 6 26.93 4.09 -20.61
C TYR B 6 26.02 3.84 -21.81
N VAL B 7 26.32 4.48 -22.93
CA VAL B 7 25.43 4.37 -24.09
C VAL B 7 25.49 2.97 -24.68
N LYS B 8 26.69 2.35 -24.74
CA LYS B 8 26.78 0.99 -25.26
C LYS B 8 25.94 0.03 -24.43
N SER B 9 26.08 0.08 -23.11
CA SER B 9 25.34 -0.84 -22.25
C SER B 9 23.85 -0.61 -22.33
N SER B 10 23.41 0.66 -22.30
CA SER B 10 21.98 0.93 -22.37
C SER B 10 21.40 0.47 -23.72
N LEU B 11 22.11 0.76 -24.81
CA LEU B 11 21.64 0.36 -26.13
C LEU B 11 21.56 -1.15 -26.25
N PHE B 12 22.56 -1.86 -25.74
CA PHE B 12 22.52 -3.32 -25.74
C PHE B 12 21.32 -3.84 -24.96
N SER B 13 21.09 -3.27 -23.77
CA SER B 13 20.01 -3.76 -22.91
C SER B 13 18.66 -3.58 -23.58
N VAL B 14 18.43 -2.44 -24.23
CA VAL B 14 17.15 -2.25 -24.90
C VAL B 14 17.07 -3.12 -26.16
N PHE B 15 18.17 -3.21 -26.90
CA PHE B 15 18.12 -3.83 -28.23
C PHE B 15 17.99 -5.34 -28.14
N ILE B 16 18.39 -5.97 -27.03
CA ILE B 16 18.19 -7.42 -26.95
C ILE B 16 16.70 -7.77 -26.97
N PHE B 17 15.90 -7.08 -26.14
CA PHE B 17 14.46 -7.33 -26.19
C PHE B 17 13.83 -6.71 -27.43
N LEU B 18 14.44 -5.67 -28.00
CA LEU B 18 13.98 -5.22 -29.31
C LEU B 18 14.12 -6.31 -30.36
N SER B 19 15.22 -7.05 -30.32
CA SER B 19 15.38 -8.21 -31.20
C SER B 19 14.40 -9.32 -30.85
N PHE B 20 14.04 -9.44 -29.56
CA PHE B 20 12.98 -10.38 -29.20
C PHE B 20 11.66 -10.03 -29.88
N TYR B 21 11.23 -8.77 -29.80
CA TYR B 21 10.06 -8.35 -30.60
C TYR B 21 10.27 -8.55 -32.10
N LEU B 22 11.48 -8.30 -32.61
CA LEU B 22 11.69 -8.48 -34.04
C LEU B 22 11.47 -9.94 -34.44
N GLY B 23 12.05 -10.88 -33.68
CA GLY B 23 11.85 -12.29 -33.96
C GLY B 23 10.40 -12.71 -33.83
N CYS B 24 9.71 -12.19 -32.80
CA CYS B 24 8.28 -12.45 -32.69
C CYS B 24 7.54 -11.92 -33.91
N LEU B 25 8.00 -10.81 -34.48
CA LEU B 25 7.37 -10.26 -35.67
C LEU B 25 7.58 -11.18 -36.87
N LEU B 26 8.78 -11.75 -37.03
CA LEU B 26 8.95 -12.75 -38.09
C LEU B 26 8.04 -13.95 -37.86
N VAL B 27 7.90 -14.39 -36.60
CA VAL B 27 7.04 -15.53 -36.32
C VAL B 27 5.60 -15.23 -36.71
N GLY B 28 5.11 -14.04 -36.35
CA GLY B 28 3.75 -13.67 -36.70
C GLY B 28 3.54 -13.55 -38.19
N PHE B 29 4.52 -12.99 -38.90
CA PHE B 29 4.38 -12.83 -40.35
C PHE B 29 4.48 -14.18 -41.08
N VAL B 30 5.31 -15.09 -40.57
CA VAL B 30 5.36 -16.44 -41.13
C VAL B 30 4.02 -17.15 -40.92
N HIS B 31 3.45 -17.02 -39.73
CA HIS B 31 2.11 -17.56 -39.48
C HIS B 31 1.06 -16.88 -40.35
N TYR B 32 1.29 -15.62 -40.76
CA TYR B 32 0.37 -14.94 -41.66
C TYR B 32 0.29 -15.64 -43.01
N LEU B 33 1.42 -16.08 -43.54
CA LEU B 33 1.44 -16.78 -44.81
C LEU B 33 1.00 -18.24 -44.64
N TYR B 98 -14.70 -8.23 -18.58
CA TYR B 98 -13.70 -8.55 -17.57
C TYR B 98 -12.89 -7.32 -17.22
N LYS B 99 -13.40 -6.14 -17.60
CA LYS B 99 -12.71 -4.89 -17.35
C LYS B 99 -12.71 -4.49 -15.88
N ILE B 100 -13.58 -5.09 -15.06
CA ILE B 100 -13.60 -4.75 -13.64
C ILE B 100 -12.30 -5.12 -12.96
N TYR B 101 -11.77 -6.31 -13.26
CA TYR B 101 -10.48 -6.72 -12.70
C TYR B 101 -9.36 -5.80 -13.16
N PHE B 102 -9.36 -5.42 -14.44
CA PHE B 102 -8.34 -4.52 -14.96
C PHE B 102 -8.38 -3.18 -14.24
N TRP B 103 -9.59 -2.61 -14.08
CA TRP B 103 -9.70 -1.31 -13.42
C TRP B 103 -9.27 -1.40 -11.97
N ASN B 104 -9.70 -2.44 -11.26
CA ASN B 104 -9.31 -2.60 -9.86
C ASN B 104 -7.81 -2.75 -9.73
N ILE B 105 -7.19 -3.56 -10.60
CA ILE B 105 -5.75 -3.79 -10.48
C ILE B 105 -4.97 -2.54 -10.83
N ILE B 106 -5.40 -1.77 -11.83
CA ILE B 106 -4.65 -0.56 -12.16
C ILE B 106 -4.78 0.47 -11.04
N THR B 107 -5.98 0.62 -10.47
CA THR B 107 -6.15 1.55 -9.36
C THR B 107 -5.30 1.15 -8.16
N ILE B 108 -5.38 -0.13 -7.77
CA ILE B 108 -4.62 -0.59 -6.61
C ILE B 108 -3.13 -0.41 -6.85
N ALA B 109 -2.65 -0.74 -8.05
CA ALA B 109 -1.23 -0.64 -8.35
C ALA B 109 -0.75 0.80 -8.28
N VAL B 110 -1.43 1.71 -8.99
CA VAL B 110 -0.97 3.09 -9.03
C VAL B 110 -1.02 3.72 -7.64
N PHE B 111 -2.13 3.50 -6.93
CA PHE B 111 -2.30 4.15 -5.63
C PHE B 111 -1.31 3.62 -4.61
N TYR B 112 -1.04 2.31 -4.61
CA TYR B 112 -0.07 1.80 -3.65
C TYR B 112 1.34 2.22 -4.06
N ALA B 113 1.59 2.36 -5.36
CA ALA B 113 2.92 2.71 -5.84
C ALA B 113 3.30 4.14 -5.44
N LEU B 114 2.40 5.10 -5.69
CA LEU B 114 2.73 6.52 -5.52
C LEU B 114 3.50 6.86 -4.24
N PRO B 115 3.01 6.55 -3.04
CA PRO B 115 3.72 7.02 -1.85
C PRO B 115 5.02 6.29 -1.56
N VAL B 116 5.16 5.04 -2.00
CA VAL B 116 6.46 4.39 -1.80
C VAL B 116 7.51 5.04 -2.70
N ILE B 117 7.12 5.47 -3.91
CA ILE B 117 8.04 6.25 -4.74
C ILE B 117 8.39 7.56 -4.05
N GLN B 118 7.40 8.21 -3.46
CA GLN B 118 7.70 9.44 -2.71
C GLN B 118 8.70 9.16 -1.59
N LEU B 119 8.51 8.06 -0.88
CA LEU B 119 9.40 7.71 0.23
C LEU B 119 10.83 7.47 -0.25
N VAL B 120 10.98 6.68 -1.33
CA VAL B 120 12.33 6.35 -1.77
C VAL B 120 13.02 7.59 -2.35
N ILE B 121 12.27 8.45 -3.04
CA ILE B 121 12.89 9.66 -3.56
C ILE B 121 13.29 10.59 -2.42
N THR B 122 12.51 10.60 -1.33
CA THR B 122 12.92 11.35 -0.14
C THR B 122 14.21 10.79 0.44
N TYR B 123 14.31 9.46 0.52
CA TYR B 123 15.54 8.84 1.00
C TYR B 123 16.73 9.21 0.12
N GLN B 124 16.54 9.18 -1.20
CA GLN B 124 17.62 9.54 -2.11
C GLN B 124 18.04 10.98 -1.91
N THR B 125 17.06 11.89 -1.76
CA THR B 125 17.39 13.29 -1.56
C THR B 125 18.16 13.50 -0.26
N VAL B 126 17.72 12.84 0.82
CA VAL B 126 18.38 13.08 2.11
C VAL B 126 19.79 12.48 2.11
N VAL B 127 19.98 11.32 1.47
CA VAL B 127 21.34 10.77 1.43
C VAL B 127 22.22 11.61 0.52
N ASN B 128 21.65 12.19 -0.55
CA ASN B 128 22.44 13.02 -1.43
C ASN B 128 22.86 14.33 -0.78
N VAL B 129 22.00 14.89 0.07
CA VAL B 129 22.32 16.18 0.69
C VAL B 129 23.21 15.97 1.92
N THR B 130 22.93 14.91 2.70
CA THR B 130 23.71 14.66 3.90
C THR B 130 25.08 14.04 3.59
N GLY B 131 25.14 13.19 2.56
CA GLY B 131 26.37 12.48 2.25
C GLY B 131 26.62 11.24 3.08
N ASN B 132 25.71 10.89 3.98
CA ASN B 132 25.87 9.69 4.80
C ASN B 132 25.44 8.47 3.99
N GLN B 133 26.42 7.81 3.37
CA GLN B 133 26.13 6.82 2.33
C GLN B 133 25.77 5.44 2.88
N ASP B 134 25.84 5.22 4.19
CA ASP B 134 25.47 3.93 4.76
C ASP B 134 23.96 3.79 4.94
N ILE B 135 23.18 4.78 4.56
CA ILE B 135 21.73 4.66 4.62
C ILE B 135 21.23 3.62 3.63
N CYS B 136 21.75 3.65 2.41
CA CYS B 136 21.34 2.74 1.35
C CYS B 136 22.35 1.62 1.19
N TYR B 137 21.86 0.40 0.94
CA TYR B 137 22.70 -0.77 0.81
C TYR B 137 22.92 -1.09 -0.67
N TYR B 138 23.81 -0.31 -1.29
CA TYR B 138 24.08 -0.45 -2.71
C TYR B 138 25.07 -1.60 -2.96
N ASN B 139 25.55 -1.68 -4.20
CA ASN B 139 26.70 -2.48 -4.58
C ASN B 139 27.78 -1.47 -4.97
N PHE B 140 28.57 -1.04 -3.98
CA PHE B 140 29.37 0.15 -4.13
C PHE B 140 30.54 -0.04 -5.09
N LEU B 141 30.80 -1.26 -5.53
CA LEU B 141 31.81 -1.48 -6.56
C LEU B 141 31.23 -1.39 -7.96
N CYS B 142 29.93 -1.65 -8.11
CA CYS B 142 29.23 -1.62 -9.40
C CYS B 142 28.11 -0.59 -9.35
N ALA B 143 28.39 0.58 -8.79
CA ALA B 143 27.43 1.67 -8.70
C ALA B 143 27.80 2.75 -9.70
N HIS B 144 26.83 3.14 -10.53
CA HIS B 144 27.06 4.12 -11.58
C HIS B 144 26.02 5.23 -11.47
N PRO B 145 26.45 6.48 -11.30
CA PRO B 145 25.50 7.57 -11.12
C PRO B 145 25.11 8.25 -12.41
N LEU B 146 23.88 8.79 -12.41
CA LEU B 146 23.39 9.57 -13.54
C LEU B 146 22.30 10.50 -13.02
N GLY B 147 22.59 11.80 -12.98
CA GLY B 147 21.65 12.76 -12.44
C GLY B 147 21.58 12.71 -10.93
N VAL B 148 20.39 12.51 -10.39
CA VAL B 148 20.22 12.37 -8.95
C VAL B 148 20.29 10.92 -8.49
N LEU B 149 20.09 9.97 -9.40
CA LEU B 149 20.23 8.56 -9.03
C LEU B 149 21.69 8.19 -8.93
N SER B 150 22.09 7.64 -7.78
CA SER B 150 23.47 7.27 -7.55
C SER B 150 23.77 5.82 -7.91
N ALA B 151 22.77 5.06 -8.37
CA ALA B 151 22.98 3.70 -8.83
C ALA B 151 22.06 3.47 -10.02
N PHE B 152 22.58 3.70 -11.22
CA PHE B 152 21.76 3.63 -12.43
C PHE B 152 21.67 2.23 -13.01
N ASN B 153 22.73 1.42 -12.87
CA ASN B 153 22.73 0.10 -13.48
C ASN B 153 21.58 -0.77 -12.96
N ASN B 154 21.39 -0.80 -11.65
CA ASN B 154 20.28 -1.57 -11.08
C ASN B 154 18.92 -1.05 -11.50
N ILE B 155 18.82 0.23 -11.87
CA ILE B 155 17.56 0.78 -12.34
C ILE B 155 17.30 0.41 -13.79
N LEU B 156 18.30 0.64 -14.65
CA LEU B 156 18.14 0.34 -16.06
C LEU B 156 17.95 -1.15 -16.30
N SER B 157 18.63 -2.00 -15.53
CA SER B 157 18.57 -3.44 -15.77
C SER B 157 17.15 -4.00 -15.65
N ASN B 158 16.30 -3.39 -14.83
CA ASN B 158 14.93 -3.86 -14.68
C ASN B 158 14.04 -3.49 -15.85
N LEU B 159 14.59 -2.83 -16.88
CA LEU B 159 13.83 -2.56 -18.09
C LEU B 159 13.36 -3.84 -18.75
N GLY B 160 14.13 -4.92 -18.61
CA GLY B 160 13.74 -6.19 -19.21
C GLY B 160 12.45 -6.73 -18.65
N HIS B 161 12.23 -6.55 -17.35
CA HIS B 161 10.97 -6.97 -16.75
C HIS B 161 9.79 -6.34 -17.46
N VAL B 162 9.82 -5.01 -17.60
CA VAL B 162 8.70 -4.30 -18.19
C VAL B 162 8.53 -4.67 -19.66
N LEU B 163 9.64 -4.71 -20.42
CA LEU B 163 9.51 -5.02 -21.85
C LEU B 163 9.01 -6.45 -22.08
N LEU B 164 9.51 -7.41 -21.31
CA LEU B 164 9.06 -8.79 -21.46
C LEU B 164 7.60 -8.90 -21.07
N GLY B 165 7.18 -8.20 -20.01
CA GLY B 165 5.77 -8.18 -19.67
C GLY B 165 4.92 -7.59 -20.77
N PHE B 166 5.42 -6.55 -21.44
CA PHE B 166 4.67 -5.97 -22.55
C PHE B 166 4.53 -6.95 -23.69
N LEU B 167 5.61 -7.67 -24.02
CA LEU B 167 5.51 -8.65 -25.09
C LEU B 167 4.52 -9.73 -24.72
N PHE B 168 4.54 -10.15 -23.45
CA PHE B 168 3.60 -11.17 -22.98
C PHE B 168 2.16 -10.70 -23.10
N LEU B 169 1.90 -9.47 -22.64
CA LEU B 169 0.52 -8.93 -22.67
C LEU B 169 0.04 -8.87 -24.12
N LEU B 170 0.91 -8.45 -25.04
CA LEU B 170 0.46 -8.31 -26.43
C LEU B 170 0.22 -9.67 -27.09
N ILE B 171 1.04 -10.68 -26.78
CA ILE B 171 0.76 -11.99 -27.37
C ILE B 171 -0.55 -12.53 -26.81
N VAL B 172 -0.81 -12.33 -25.51
CA VAL B 172 -2.09 -12.73 -24.94
C VAL B 172 -3.23 -11.96 -25.60
N LEU B 173 -3.01 -10.68 -25.90
CA LEU B 173 -4.05 -9.88 -26.55
C LEU B 173 -4.39 -10.41 -27.93
N ARG B 174 -3.38 -10.73 -28.74
CA ARG B 174 -3.68 -11.24 -30.07
C ARG B 174 -4.27 -12.64 -30.01
N ARG B 175 -3.88 -13.44 -29.01
CA ARG B 175 -4.53 -14.73 -28.82
C ARG B 175 -6.00 -14.57 -28.52
N ASP B 176 -6.35 -13.62 -27.65
CA ASP B 176 -7.77 -13.37 -27.37
C ASP B 176 -8.49 -12.88 -28.61
N ILE B 177 -7.87 -11.98 -29.38
CA ILE B 177 -8.50 -11.45 -30.59
C ILE B 177 -8.79 -12.58 -31.57
N LEU B 178 -7.82 -13.48 -31.75
CA LEU B 178 -8.04 -14.63 -32.62
C LEU B 178 -9.11 -15.55 -32.06
N HIS B 179 -9.20 -15.65 -30.73
CA HIS B 179 -10.23 -16.48 -30.11
C HIS B 179 -11.62 -15.95 -30.41
N ARG B 180 -11.81 -14.63 -30.36
CA ARG B 180 -13.12 -14.07 -30.71
C ARG B 180 -13.48 -14.35 -32.16
N ARG B 181 -12.51 -14.23 -33.07
CA ARG B 181 -12.73 -14.51 -34.48
C ARG B 181 -12.95 -16.00 -34.72
N PRO B 196 -12.72 -24.43 -21.47
CA PRO B 196 -12.53 -23.32 -20.53
C PRO B 196 -11.19 -22.62 -20.72
N LYS B 197 -10.94 -22.12 -21.93
CA LYS B 197 -9.70 -21.42 -22.25
C LYS B 197 -9.87 -19.95 -21.89
N HIS B 198 -9.40 -19.58 -20.70
CA HIS B 198 -9.54 -18.24 -20.16
C HIS B 198 -8.18 -17.56 -20.07
N PHE B 199 -8.17 -16.25 -20.30
CA PHE B 199 -6.95 -15.46 -20.25
C PHE B 199 -6.98 -14.35 -19.21
N GLY B 200 -8.09 -14.21 -18.47
CA GLY B 200 -8.19 -13.13 -17.50
C GLY B 200 -7.15 -13.25 -16.40
N LEU B 201 -6.98 -14.45 -15.86
CA LEU B 201 -5.91 -14.68 -14.90
C LEU B 201 -4.55 -14.40 -15.51
N PHE B 202 -4.38 -14.71 -16.79
CA PHE B 202 -3.13 -14.39 -17.47
C PHE B 202 -2.90 -12.88 -17.54
N TYR B 203 -3.95 -12.12 -17.83
CA TYR B 203 -3.81 -10.67 -17.83
C TYR B 203 -3.46 -10.14 -16.44
N ALA B 204 -4.12 -10.67 -15.41
CA ALA B 204 -3.86 -10.22 -14.05
C ALA B 204 -2.42 -10.52 -13.64
N MET B 205 -1.94 -11.72 -13.97
CA MET B 205 -0.56 -12.07 -13.62
C MET B 205 0.45 -11.29 -14.46
N GLY B 206 0.12 -10.93 -15.70
CA GLY B 206 0.99 -10.06 -16.47
C GLY B 206 1.11 -8.67 -15.85
N ILE B 207 -0.02 -8.11 -15.41
CA ILE B 207 0.02 -6.84 -14.70
C ILE B 207 0.81 -6.99 -13.40
N ALA B 208 0.68 -8.14 -12.75
CA ALA B 208 1.49 -8.41 -11.56
C ALA B 208 2.97 -8.39 -11.87
N LEU B 209 3.37 -8.99 -12.99
CA LEU B 209 4.76 -8.94 -13.43
C LEU B 209 5.22 -7.50 -13.67
N MET B 210 4.39 -6.73 -14.38
CA MET B 210 4.64 -5.30 -14.54
C MET B 210 4.96 -4.63 -13.22
N MET B 211 4.04 -4.74 -12.26
CA MET B 211 4.16 -4.00 -11.02
C MET B 211 5.33 -4.50 -10.18
N GLU B 212 5.55 -5.82 -10.17
CA GLU B 212 6.68 -6.36 -9.43
C GLU B 212 8.00 -5.84 -9.99
N GLY B 213 8.14 -5.83 -11.32
CA GLY B 213 9.36 -5.29 -11.91
C GLY B 213 9.57 -3.83 -11.58
N VAL B 214 8.54 -3.01 -11.76
CA VAL B 214 8.72 -1.58 -11.55
C VAL B 214 8.99 -1.29 -10.07
N LEU B 215 8.27 -1.95 -9.16
CA LEU B 215 8.47 -1.70 -7.74
C LEU B 215 9.82 -2.22 -7.28
N SER B 216 10.31 -3.30 -7.90
CA SER B 216 11.67 -3.75 -7.62
C SER B 216 12.68 -2.71 -8.05
N ALA B 217 12.44 -2.06 -9.19
CA ALA B 217 13.31 -0.96 -9.60
C ALA B 217 13.32 0.16 -8.56
N CYS B 218 12.13 0.60 -8.14
CA CYS B 218 12.07 1.66 -7.14
C CYS B 218 12.72 1.26 -5.83
N TYR B 219 12.60 -0.01 -5.43
CA TYR B 219 13.30 -0.48 -4.25
C TYR B 219 14.81 -0.44 -4.45
N HIS B 220 15.27 -0.82 -5.65
CA HIS B 220 16.68 -0.80 -5.95
C HIS B 220 17.25 0.62 -6.07
N VAL B 221 16.39 1.63 -6.17
CA VAL B 221 16.87 3.01 -6.09
C VAL B 221 17.68 3.21 -4.80
N CYS B 222 17.16 2.72 -3.68
CA CYS B 222 17.89 2.76 -2.41
C CYS B 222 17.35 1.62 -1.55
N PRO B 223 18.06 0.46 -1.52
CA PRO B 223 17.58 -0.72 -0.79
C PRO B 223 17.84 -0.65 0.72
N ASN B 224 16.79 -0.75 1.52
CA ASN B 224 16.92 -0.77 2.97
C ASN B 224 15.94 -1.80 3.53
N TYR B 225 15.98 -1.95 4.85
CA TYR B 225 15.05 -2.85 5.52
C TYR B 225 13.62 -2.37 5.34
N SER B 226 13.39 -1.07 5.43
CA SER B 226 12.04 -0.53 5.45
C SER B 226 11.27 -0.86 4.17
N ASN B 227 11.90 -0.66 3.02
CA ASN B 227 11.21 -0.80 1.74
C ASN B 227 11.26 -2.21 1.17
N PHE B 228 12.01 -3.13 1.79
CA PHE B 228 11.91 -4.53 1.36
C PHE B 228 10.53 -5.09 1.67
N GLN B 229 9.95 -4.70 2.79
CA GLN B 229 8.58 -5.10 3.12
C GLN B 229 7.60 -4.59 2.06
N PHE B 230 7.80 -3.35 1.60
CA PHE B 230 6.99 -2.85 0.48
C PHE B 230 7.28 -3.62 -0.81
N ASP B 231 8.51 -4.10 -0.99
CA ASP B 231 8.84 -4.90 -2.16
C ASP B 231 8.04 -6.21 -2.17
N THR B 232 7.93 -6.87 -1.03
CA THR B 232 7.14 -8.10 -0.95
C THR B 232 5.65 -7.85 -0.73
N SER B 233 5.26 -6.60 -0.47
CA SER B 233 3.85 -6.32 -0.20
C SER B 233 2.98 -6.56 -1.42
N PHE B 234 3.50 -6.34 -2.62
CA PHE B 234 2.68 -6.61 -3.81
C PHE B 234 2.45 -8.10 -3.99
N MET B 235 3.47 -8.92 -3.75
CA MET B 235 3.26 -10.37 -3.83
C MET B 235 2.31 -10.85 -2.74
N TYR B 236 2.39 -10.23 -1.56
CA TYR B 236 1.40 -10.54 -0.52
C TYR B 236 -0.01 -10.17 -0.96
N MET B 237 -0.18 -8.99 -1.58
CA MET B 237 -1.45 -8.59 -2.16
C MET B 237 -1.96 -9.66 -3.12
N ILE B 238 -1.11 -10.08 -4.06
CA ILE B 238 -1.54 -11.03 -5.08
C ILE B 238 -1.93 -12.36 -4.46
N ALA B 239 -1.14 -12.85 -3.50
CA ALA B 239 -1.47 -14.09 -2.82
C ALA B 239 -2.80 -13.97 -2.10
N GLY B 240 -3.09 -12.80 -1.53
CA GLY B 240 -4.39 -12.59 -0.90
C GLY B 240 -5.53 -12.62 -1.89
N LEU B 241 -5.38 -11.93 -3.03
CA LEU B 241 -6.48 -11.86 -3.99
C LEU B 241 -6.75 -13.19 -4.68
N CYS B 242 -5.69 -13.95 -4.98
CA CYS B 242 -5.87 -15.18 -5.73
C CYS B 242 -6.73 -16.19 -4.97
N MET B 243 -6.50 -16.32 -3.67
CA MET B 243 -7.27 -17.26 -2.85
C MET B 243 -8.71 -16.78 -2.67
N PHE B 285 9.93 -20.53 17.14
CA PHE B 285 8.92 -20.13 16.17
C PHE B 285 9.12 -20.82 14.83
N TRP B 286 10.33 -21.36 14.64
CA TRP B 286 10.65 -22.02 13.38
C TRP B 286 9.96 -23.37 13.24
N VAL B 287 9.73 -24.07 14.36
CA VAL B 287 8.99 -25.33 14.32
C VAL B 287 7.57 -25.09 13.85
N ILE B 288 6.93 -24.03 14.34
CA ILE B 288 5.58 -23.69 13.90
C ILE B 288 5.57 -23.37 12.41
N PHE B 289 6.57 -22.62 11.95
CA PHE B 289 6.66 -22.29 10.53
C PHE B 289 6.81 -23.55 9.68
N SER B 290 7.67 -24.47 10.11
CA SER B 290 7.85 -25.72 9.37
C SER B 290 6.56 -26.54 9.33
N ALA B 291 5.87 -26.64 10.47
CA ALA B 291 4.62 -27.40 10.51
C ALA B 291 3.56 -26.78 9.61
N ILE B 292 3.45 -25.45 9.62
CA ILE B 292 2.45 -24.78 8.79
C ILE B 292 2.81 -24.93 7.32
N HIS B 293 4.10 -24.86 6.99
CA HIS B 293 4.53 -25.10 5.62
C HIS B 293 4.20 -26.52 5.16
N VAL B 294 4.42 -27.51 6.04
CA VAL B 294 4.07 -28.88 5.71
C VAL B 294 2.57 -29.01 5.47
N LEU B 295 1.77 -28.40 6.35
CA LEU B 295 0.32 -28.46 6.19
C LEU B 295 -0.13 -27.83 4.88
N ALA B 296 0.44 -26.67 4.53
CA ALA B 296 0.09 -26.03 3.27
C ALA B 296 0.50 -26.88 2.08
N SER B 297 1.68 -27.49 2.16
CA SER B 297 2.16 -28.33 1.07
C SER B 297 1.27 -29.53 0.85
N LEU B 298 0.83 -30.17 1.93
CA LEU B 298 -0.04 -31.33 1.78
C LEU B 298 -1.47 -30.94 1.39
N ALA B 299 -1.91 -29.74 1.79
CA ALA B 299 -3.26 -29.31 1.42
C ALA B 299 -3.34 -28.85 -0.03
N LEU B 300 -2.26 -28.28 -0.56
CA LEU B 300 -2.29 -27.80 -1.94
C LEU B 300 -2.49 -28.95 -2.93
N SER B 301 -1.82 -30.07 -2.69
CA SER B 301 -1.93 -31.23 -3.58
C SER B 301 -2.39 -32.46 -2.82
N MET B 338 -2.96 -46.47 -8.38
CA MET B 338 -1.80 -47.35 -8.32
C MET B 338 -0.51 -46.54 -8.22
N ASP B 339 -0.44 -45.44 -9.00
CA ASP B 339 0.74 -44.59 -9.03
C ASP B 339 0.52 -43.20 -8.44
N ARG B 340 -0.73 -42.78 -8.23
CA ARG B 340 -0.98 -41.45 -7.67
C ARG B 340 -0.43 -41.33 -6.25
N MET B 341 -0.57 -42.38 -5.45
CA MET B 341 -0.05 -42.34 -4.09
C MET B 341 1.46 -42.17 -4.07
N VAL B 342 2.17 -42.85 -4.98
CA VAL B 342 3.63 -42.77 -4.99
C VAL B 342 4.09 -41.35 -5.30
N LEU B 343 3.51 -40.72 -6.32
CA LEU B 343 3.91 -39.37 -6.68
C LEU B 343 3.50 -38.37 -5.62
N LEU B 344 2.33 -38.57 -4.99
CA LEU B 344 1.91 -37.69 -3.91
C LEU B 344 2.89 -37.78 -2.73
N VAL B 345 3.31 -38.99 -2.39
CA VAL B 345 4.29 -39.18 -1.32
C VAL B 345 5.62 -38.55 -1.69
N VAL B 346 6.02 -38.66 -2.97
CA VAL B 346 7.26 -38.05 -3.41
C VAL B 346 7.21 -36.53 -3.25
N GLY B 347 6.10 -35.93 -3.66
CA GLY B 347 5.94 -34.49 -3.51
C GLY B 347 5.94 -34.06 -2.04
N ASN B 348 5.24 -34.82 -1.21
CA ASN B 348 5.25 -34.52 0.23
C ASN B 348 6.65 -34.62 0.80
N LEU B 349 7.43 -35.61 0.36
CA LEU B 349 8.79 -35.78 0.87
C LEU B 349 9.70 -34.64 0.43
N VAL B 350 9.62 -34.23 -0.84
CA VAL B 350 10.50 -33.16 -1.31
C VAL B 350 10.12 -31.85 -0.62
N ASN B 351 8.83 -31.64 -0.36
CA ASN B 351 8.44 -30.49 0.45
C ASN B 351 8.94 -30.57 1.88
N TRP B 352 8.87 -31.77 2.49
CA TRP B 352 9.35 -31.93 3.86
C TRP B 352 10.85 -31.69 3.96
N SER B 353 11.61 -32.00 2.91
CA SER B 353 13.04 -31.73 2.93
C SER B 353 13.31 -30.23 3.05
N PHE B 354 12.64 -29.42 2.23
CA PHE B 354 12.78 -27.97 2.37
C PHE B 354 12.24 -27.47 3.69
N ALA B 355 11.20 -28.11 4.22
CA ALA B 355 10.71 -27.75 5.54
C ALA B 355 11.80 -27.94 6.60
N LEU B 356 12.53 -29.06 6.53
CA LEU B 356 13.55 -29.32 7.54
C LEU B 356 14.78 -28.44 7.32
N PHE B 357 15.11 -28.11 6.06
CA PHE B 357 16.15 -27.10 5.84
C PHE B 357 15.76 -25.77 6.44
N GLY B 358 14.50 -25.36 6.27
CA GLY B 358 14.05 -24.12 6.87
C GLY B 358 14.10 -24.16 8.39
N LEU B 359 13.74 -25.30 8.97
CA LEU B 359 13.78 -25.44 10.42
C LEU B 359 15.21 -25.39 10.97
N ILE B 360 16.16 -26.03 10.29
CA ILE B 360 17.50 -26.18 10.83
C ILE B 360 18.35 -24.95 10.50
N TYR B 361 18.42 -24.59 9.21
CA TYR B 361 19.33 -23.54 8.79
C TYR B 361 18.95 -22.18 9.37
N ARG B 362 17.64 -21.89 9.46
CA ARG B 362 17.12 -20.65 10.02
C ARG B 362 17.74 -19.44 9.34
N PRO B 363 17.36 -19.14 8.10
CA PRO B 363 17.96 -18.01 7.40
C PRO B 363 17.41 -16.68 7.91
N ARG B 364 18.08 -15.60 7.52
CA ARG B 364 17.63 -14.25 7.85
C ARG B 364 16.75 -13.64 6.77
N ASP B 365 16.50 -14.36 5.66
CA ASP B 365 15.69 -13.87 4.56
C ASP B 365 14.51 -14.82 4.36
N PHE B 366 13.31 -14.37 4.75
CA PHE B 366 12.13 -15.22 4.62
C PHE B 366 11.67 -15.31 3.17
N ALA B 367 11.75 -14.19 2.44
CA ALA B 367 11.31 -14.18 1.05
C ALA B 367 12.15 -15.13 0.20
N SER B 368 13.40 -15.38 0.61
CA SER B 368 14.24 -16.33 -0.12
C SER B 368 13.61 -17.72 -0.14
N TYR B 369 13.25 -18.25 1.03
CA TYR B 369 12.60 -19.55 1.06
C TYR B 369 11.21 -19.50 0.46
N MET B 370 10.49 -18.38 0.63
CA MET B 370 9.18 -18.28 0.00
C MET B 370 9.29 -18.48 -1.51
N LEU B 371 10.21 -17.74 -2.14
CA LEU B 371 10.39 -17.86 -3.59
C LEU B 371 10.96 -19.23 -3.95
N GLY B 372 11.81 -19.81 -3.09
CA GLY B 372 12.34 -21.13 -3.38
C GLY B 372 11.28 -22.21 -3.43
N ILE B 373 10.39 -22.23 -2.44
CA ILE B 373 9.29 -23.20 -2.49
C ILE B 373 8.35 -22.87 -3.65
N PHE B 374 8.20 -21.58 -3.97
CA PHE B 374 7.38 -21.22 -5.12
C PHE B 374 7.93 -21.84 -6.40
N ILE B 375 9.21 -21.62 -6.68
CA ILE B 375 9.78 -22.11 -7.94
C ILE B 375 9.79 -23.63 -7.94
N CYS B 376 10.12 -24.26 -6.79
CA CYS B 376 10.15 -25.71 -6.76
C CYS B 376 8.76 -26.30 -7.01
N ASN B 377 7.73 -25.71 -6.42
CA ASN B 377 6.38 -26.24 -6.60
C ASN B 377 5.91 -26.08 -8.03
N LEU B 378 6.13 -24.91 -8.65
CA LEU B 378 5.69 -24.74 -10.03
C LEU B 378 6.50 -25.59 -11.01
N LEU B 379 7.80 -25.78 -10.76
CA LEU B 379 8.55 -26.70 -11.62
C LEU B 379 8.07 -28.13 -11.45
N LEU B 380 7.70 -28.52 -10.23
CA LEU B 380 7.13 -29.85 -10.02
C LEU B 380 5.82 -30.01 -10.79
N TYR B 381 4.97 -28.99 -10.74
CA TYR B 381 3.70 -29.07 -11.47
C TYR B 381 3.92 -29.10 -12.98
N LEU B 382 4.92 -28.36 -13.46
CA LEU B 382 5.23 -28.39 -14.89
C LEU B 382 5.74 -29.76 -15.31
N ALA B 383 6.61 -30.37 -14.50
CA ALA B 383 7.06 -31.73 -14.78
C ALA B 383 5.89 -32.71 -14.77
N PHE B 384 4.96 -32.55 -13.81
CA PHE B 384 3.75 -33.35 -13.80
C PHE B 384 2.97 -33.19 -15.10
N TYR B 385 2.78 -31.96 -15.54
CA TYR B 385 2.02 -31.72 -16.76
C TYR B 385 2.69 -32.38 -17.96
N ILE B 386 4.01 -32.25 -18.08
CA ILE B 386 4.69 -32.80 -19.25
C ILE B 386 4.66 -34.33 -19.22
N ILE B 387 4.83 -34.94 -18.03
CA ILE B 387 4.83 -36.40 -17.98
C ILE B 387 3.44 -36.95 -18.24
N MET B 388 2.40 -36.27 -17.72
CA MET B 388 1.03 -36.72 -17.99
C MET B 388 0.65 -36.54 -19.45
N LYS B 389 1.12 -35.45 -20.09
CA LYS B 389 0.89 -35.28 -21.51
C LYS B 389 1.60 -36.37 -22.31
N LEU B 390 2.83 -36.72 -21.90
CA LEU B 390 3.56 -37.79 -22.56
C LEU B 390 2.83 -39.12 -22.44
N ARG B 391 2.29 -39.41 -21.25
CA ARG B 391 1.55 -40.65 -21.05
C ARG B 391 0.21 -40.68 -21.78
N SER B 392 -0.26 -39.53 -22.27
CA SER B 392 -1.51 -39.45 -23.01
C SER B 392 -1.31 -39.56 -24.52
N SER B 393 -0.08 -39.72 -24.98
CA SER B 393 0.24 -39.82 -26.41
C SER B 393 -0.29 -38.61 -27.19
N PRO B 400 6.15 -23.86 -28.58
CA PRO B 400 6.08 -25.31 -28.76
C PRO B 400 6.96 -26.07 -27.76
N LEU B 401 7.90 -26.87 -28.27
CA LEU B 401 8.76 -27.68 -27.43
C LEU B 401 10.02 -26.94 -27.00
N PHE B 402 10.49 -25.99 -27.79
CA PHE B 402 11.74 -25.29 -27.47
C PHE B 402 11.61 -24.47 -26.19
N CYS B 403 10.40 -24.00 -25.87
CA CYS B 403 10.20 -23.25 -24.65
C CYS B 403 10.47 -24.11 -23.41
N ILE B 404 10.07 -25.38 -23.46
CA ILE B 404 10.30 -26.28 -22.33
C ILE B 404 11.79 -26.43 -22.08
N VAL B 405 12.58 -26.60 -23.14
CA VAL B 405 14.03 -26.70 -22.99
C VAL B 405 14.61 -25.40 -22.47
N ALA B 406 14.17 -24.27 -23.02
CA ALA B 406 14.72 -22.97 -22.61
C ALA B 406 14.45 -22.67 -21.15
N THR B 407 13.28 -23.08 -20.64
CA THR B 407 12.93 -22.81 -19.26
C THR B 407 14.01 -23.31 -18.30
N ALA B 408 14.42 -24.57 -18.48
CA ALA B 408 15.35 -25.18 -17.52
C ALA B 408 16.69 -24.46 -17.51
N VAL B 409 17.24 -24.15 -18.68
CA VAL B 409 18.56 -23.51 -18.72
C VAL B 409 18.50 -22.07 -18.20
N MET B 410 17.47 -21.30 -18.60
CA MET B 410 17.35 -19.96 -18.02
C MET B 410 17.19 -19.99 -16.51
N TRP B 411 16.37 -20.91 -15.98
CA TRP B 411 16.18 -20.94 -14.53
C TRP B 411 17.44 -21.44 -13.81
N ALA B 412 18.18 -22.35 -14.43
CA ALA B 412 19.44 -22.82 -13.84
C ALA B 412 20.44 -21.68 -13.74
N ALA B 413 20.57 -20.88 -14.80
CA ALA B 413 21.42 -19.70 -14.72
C ALA B 413 20.91 -18.71 -13.69
N ALA B 414 19.58 -18.54 -13.63
CA ALA B 414 18.98 -17.57 -12.73
C ALA B 414 19.28 -17.91 -11.27
N LEU B 415 19.14 -19.18 -10.91
CA LEU B 415 19.44 -19.58 -9.54
C LEU B 415 20.91 -19.43 -9.20
N TYR B 416 21.80 -19.75 -10.15
CA TYR B 416 23.23 -19.54 -9.93
C TYR B 416 23.52 -18.09 -9.62
N PHE B 417 23.01 -17.18 -10.45
CA PHE B 417 23.21 -15.75 -10.18
C PHE B 417 22.45 -15.28 -8.95
N PHE B 418 21.38 -15.96 -8.56
CA PHE B 418 20.59 -15.56 -7.40
C PHE B 418 21.31 -15.87 -6.10
N PHE B 419 21.93 -17.03 -6.00
CA PHE B 419 22.54 -17.48 -4.75
C PHE B 419 23.89 -16.83 -4.48
N GLN B 420 24.21 -15.73 -5.17
CA GLN B 420 25.43 -14.99 -4.89
C GLN B 420 25.36 -14.15 -3.63
N ASN B 421 24.20 -13.54 -3.36
CA ASN B 421 23.98 -12.72 -2.16
C ASN B 421 25.09 -11.69 -1.98
N LEU B 422 25.18 -10.79 -2.96
CA LEU B 422 26.23 -9.76 -2.92
C LEU B 422 25.93 -8.65 -1.93
N SER B 423 24.66 -8.37 -1.65
CA SER B 423 24.29 -7.32 -0.70
C SER B 423 23.35 -7.89 0.34
N SER B 424 23.64 -7.63 1.61
CA SER B 424 22.86 -8.18 2.72
C SER B 424 22.62 -7.08 3.75
N TRP B 425 21.41 -6.52 3.73
CA TRP B 425 21.03 -5.45 4.64
C TRP B 425 20.64 -5.93 6.03
N GLU B 426 20.57 -7.25 6.25
CA GLU B 426 20.19 -7.76 7.56
C GLU B 426 21.23 -7.45 8.63
N GLY B 427 22.48 -7.27 8.25
CA GLY B 427 23.52 -6.89 9.18
C GLY B 427 23.84 -5.40 9.09
N THR B 428 24.94 -5.04 9.74
CA THR B 428 25.43 -3.67 9.65
C THR B 428 25.92 -3.38 8.24
N PRO B 429 25.86 -2.12 7.80
CA PRO B 429 26.26 -1.81 6.42
C PRO B 429 27.69 -2.20 6.09
N ALA B 430 28.60 -2.13 7.07
CA ALA B 430 29.97 -2.56 6.81
C ALA B 430 30.03 -4.02 6.41
N GLU B 431 29.27 -4.87 7.10
CA GLU B 431 29.21 -6.28 6.72
C GLU B 431 28.54 -6.44 5.36
N SER B 432 27.54 -5.63 5.04
CA SER B 432 26.94 -5.68 3.71
C SER B 432 27.92 -5.26 2.63
N ARG B 433 28.94 -4.47 2.98
CA ARG B 433 29.98 -4.09 2.05
C ARG B 433 31.12 -5.10 1.98
N GLU B 434 31.03 -6.17 2.77
CA GLU B 434 32.03 -7.25 2.67
C GLU B 434 31.78 -8.12 1.45
N LYS B 435 30.52 -8.24 1.02
CA LYS B 435 30.14 -9.14 -0.06
C LYS B 435 29.99 -8.43 -1.40
N ASN B 436 30.47 -7.19 -1.52
CA ASN B 436 30.45 -6.50 -2.79
C ASN B 436 31.38 -7.18 -3.80
N ARG B 437 30.96 -7.21 -5.06
CA ARG B 437 31.75 -7.79 -6.13
C ARG B 437 31.78 -6.82 -7.30
N GLU B 438 32.88 -6.87 -8.04
CA GLU B 438 33.11 -5.92 -9.12
C GLU B 438 32.17 -6.19 -10.29
N CYS B 439 32.11 -5.21 -11.19
CA CYS B 439 31.28 -5.33 -12.38
C CYS B 439 31.82 -6.44 -13.28
N ILE B 440 30.92 -7.20 -13.90
CA ILE B 440 31.32 -8.38 -14.64
C ILE B 440 30.81 -8.36 -16.08
N LEU B 441 29.77 -7.59 -16.34
CA LEU B 441 29.15 -7.54 -17.67
C LEU B 441 29.34 -6.14 -18.25
N LEU B 442 30.04 -6.06 -19.37
CA LEU B 442 30.27 -4.81 -20.11
C LEU B 442 30.86 -3.71 -19.23
N ASP B 443 31.47 -4.08 -18.11
CA ASP B 443 31.93 -3.12 -17.10
C ASP B 443 30.81 -2.20 -16.66
N PHE B 444 29.57 -2.68 -16.73
CA PHE B 444 28.40 -1.89 -16.36
C PHE B 444 27.39 -2.62 -15.49
N PHE B 445 27.37 -3.95 -15.50
CA PHE B 445 26.38 -4.71 -14.75
C PHE B 445 27.09 -5.56 -13.70
N ASP B 446 26.32 -6.01 -12.71
CA ASP B 446 26.82 -6.92 -11.69
C ASP B 446 25.93 -8.15 -11.61
N ASP B 447 26.23 -9.05 -10.67
CA ASP B 447 25.54 -10.33 -10.61
C ASP B 447 24.05 -10.16 -10.37
N HIS B 448 23.65 -9.19 -9.55
CA HIS B 448 22.23 -9.02 -9.24
C HIS B 448 21.44 -8.59 -10.47
N ASP B 449 22.00 -7.73 -11.31
CA ASP B 449 21.32 -7.35 -12.55
C ASP B 449 21.20 -8.53 -13.51
N ILE B 450 22.24 -9.37 -13.57
CA ILE B 450 22.12 -10.58 -14.38
C ILE B 450 21.03 -11.48 -13.82
N TRP B 451 20.91 -11.54 -12.50
CA TRP B 451 19.80 -12.26 -11.88
C TRP B 451 18.47 -11.67 -12.31
N HIS B 452 18.37 -10.34 -12.38
CA HIS B 452 17.18 -9.70 -12.91
C HIS B 452 16.87 -10.22 -14.31
N PHE B 453 17.88 -10.23 -15.19
CA PHE B 453 17.67 -10.60 -16.58
C PHE B 453 17.20 -12.05 -16.72
N LEU B 454 17.92 -13.00 -16.11
CA LEU B 454 17.49 -14.39 -16.25
C LEU B 454 16.20 -14.67 -15.49
N SER B 455 15.96 -14.01 -14.36
CA SER B 455 14.66 -14.18 -13.72
C SER B 455 13.55 -13.75 -14.66
N ALA B 456 13.71 -12.62 -15.32
CA ALA B 456 12.69 -12.15 -16.26
C ALA B 456 12.48 -13.15 -17.40
N THR B 457 13.56 -13.59 -18.03
CA THR B 457 13.39 -14.47 -19.19
C THR B 457 12.87 -15.85 -18.81
N ALA B 458 13.35 -16.42 -17.70
CA ALA B 458 12.87 -17.72 -17.26
C ALA B 458 11.42 -17.65 -16.83
N LEU B 459 11.04 -16.57 -16.14
CA LEU B 459 9.64 -16.33 -15.81
C LEU B 459 8.79 -16.28 -17.06
N PHE B 460 9.24 -15.52 -18.07
CA PHE B 460 8.49 -15.44 -19.32
C PHE B 460 8.34 -16.80 -19.98
N PHE B 461 9.43 -17.56 -20.05
CA PHE B 461 9.37 -18.86 -20.72
C PHE B 461 8.45 -19.82 -19.98
N SER B 462 8.55 -19.86 -18.65
CA SER B 462 7.71 -20.74 -17.86
C SER B 462 6.23 -20.41 -18.06
N PHE B 463 5.89 -19.12 -18.07
CA PHE B 463 4.50 -18.76 -18.29
C PHE B 463 4.11 -18.88 -19.76
N LEU B 464 5.08 -18.97 -20.66
CA LEU B 464 4.77 -19.30 -22.05
C LEU B 464 4.38 -20.76 -22.19
N VAL B 465 5.00 -21.64 -21.39
CA VAL B 465 4.53 -23.02 -21.33
C VAL B 465 3.08 -23.07 -20.87
N LEU B 466 2.75 -22.27 -19.86
CA LEU B 466 1.38 -22.19 -19.36
C LEU B 466 0.43 -21.66 -20.43
#